data_8CJT
#
_entry.id   8CJT
#
_entity_poly.entity_id   1
_entity_poly.type   'polypeptide(L)'
_entity_poly.pdbx_seq_one_letter_code
;ACREWLGGCSKDADCCAHLECRKKWPYHCVWDATV
;
_entity_poly.pdbx_strand_id   A
#
# COMPACT_ATOMS: atom_id res chain seq x y z
N ALA A 1 5.42 -12.23 -3.54
CA ALA A 1 4.26 -12.17 -4.46
C ALA A 1 3.79 -10.73 -4.61
N CYS A 2 3.47 -10.11 -3.50
CA CYS A 2 3.04 -8.72 -3.48
C CYS A 2 3.72 -7.99 -2.33
N ARG A 3 3.49 -6.69 -2.23
CA ARG A 3 4.09 -5.89 -1.18
C ARG A 3 3.14 -5.76 -0.01
N GLU A 4 3.66 -5.90 1.19
CA GLU A 4 2.86 -5.72 2.38
C GLU A 4 2.96 -4.29 2.89
N TRP A 5 2.42 -4.06 4.07
CA TRP A 5 2.53 -2.79 4.75
C TRP A 5 3.96 -2.26 4.68
N LEU A 6 4.06 -1.07 4.10
CA LEU A 6 5.32 -0.34 3.96
C LEU A 6 6.27 -1.04 2.99
N GLY A 7 5.73 -1.75 2.02
CA GLY A 7 6.54 -2.35 0.99
C GLY A 7 6.80 -1.41 -0.18
N GLY A 8 5.93 -1.48 -1.18
CA GLY A 8 6.09 -0.67 -2.37
C GLY A 8 4.92 -0.84 -3.30
N CYS A 9 3.84 -0.12 -3.02
CA CYS A 9 2.60 -0.26 -3.76
C CYS A 9 2.71 0.31 -5.17
N SER A 10 2.07 -0.37 -6.09
CA SER A 10 1.90 0.15 -7.44
C SER A 10 0.41 0.33 -7.72
N LYS A 11 -0.41 -0.13 -6.76
CA LYS A 11 -1.85 0.00 -6.85
C LYS A 11 -2.42 0.53 -5.55
N ASP A 12 -3.34 1.47 -5.66
CA ASP A 12 -3.99 2.05 -4.50
C ASP A 12 -4.97 1.07 -3.89
N ALA A 13 -5.25 -0.01 -4.61
CA ALA A 13 -6.22 -1.00 -4.16
C ALA A 13 -5.77 -1.60 -2.83
N ASP A 14 -4.52 -2.09 -2.79
CA ASP A 14 -3.91 -2.62 -1.54
C ASP A 14 -2.63 -3.38 -1.78
N CYS A 15 -2.07 -3.30 -3.00
CA CYS A 15 -0.91 -4.11 -3.42
C CYS A 15 -1.05 -5.59 -3.02
N CYS A 16 -0.75 -5.93 -1.76
CA CYS A 16 -1.06 -7.26 -1.26
C CYS A 16 -2.54 -7.38 -0.89
N ALA A 17 -2.93 -6.77 0.23
CA ALA A 17 -4.28 -6.87 0.74
C ALA A 17 -4.48 -5.99 1.97
N HIS A 18 -5.70 -5.48 2.13
CA HIS A 18 -6.11 -4.69 3.30
C HIS A 18 -5.30 -3.41 3.42
N LEU A 19 -4.90 -2.88 2.28
CA LEU A 19 -3.96 -1.77 2.24
C LEU A 19 -4.43 -0.71 1.24
N GLU A 20 -3.67 0.36 1.13
CA GLU A 20 -3.84 1.31 0.03
C GLU A 20 -2.46 1.79 -0.39
N CYS A 21 -2.38 2.47 -1.51
CA CYS A 21 -1.11 2.98 -1.97
C CYS A 21 -0.91 4.41 -1.52
N ARG A 22 0.14 4.63 -0.74
CA ARG A 22 0.54 5.97 -0.32
C ARG A 22 0.76 6.85 -1.53
N LYS A 23 0.33 8.10 -1.43
CA LYS A 23 0.49 9.03 -2.52
C LYS A 23 1.82 9.77 -2.38
N LYS A 24 2.60 9.40 -1.37
CA LYS A 24 3.88 10.04 -1.15
C LYS A 24 5.00 9.14 -1.62
N TRP A 25 5.78 9.61 -2.59
CA TRP A 25 6.89 8.88 -3.11
C TRP A 25 7.98 8.72 -2.04
N PRO A 26 8.58 7.52 -1.93
CA PRO A 26 8.19 6.35 -2.71
C PRO A 26 6.93 5.69 -2.18
N TYR A 27 6.07 5.28 -3.10
CA TYR A 27 4.77 4.75 -2.76
C TYR A 27 4.89 3.41 -2.05
N HIS A 28 4.52 3.39 -0.78
CA HIS A 28 4.47 2.15 -0.04
C HIS A 28 3.08 1.94 0.53
N CYS A 29 2.66 0.69 0.60
CA CYS A 29 1.34 0.34 1.06
C CYS A 29 1.17 0.68 2.53
N VAL A 30 0.13 1.42 2.86
CA VAL A 30 -0.20 1.70 4.24
C VAL A 30 -1.59 1.18 4.54
N TRP A 31 -1.90 1.01 5.83
CA TRP A 31 -3.19 0.45 6.24
C TRP A 31 -4.34 1.38 5.94
N ASP A 32 -4.76 1.36 4.68
CA ASP A 32 -5.83 2.19 4.14
C ASP A 32 -5.84 3.60 4.73
N ALA A 33 -6.49 3.76 5.87
CA ALA A 33 -6.56 5.03 6.54
C ALA A 33 -6.72 4.82 8.04
N THR A 34 -7.81 4.19 8.43
CA THR A 34 -8.09 3.91 9.84
C THR A 34 -8.65 2.50 10.01
N VAL A 35 -8.05 1.54 9.32
CA VAL A 35 -8.54 0.17 9.32
C VAL A 35 -8.14 -0.55 10.61
N ALA A 1 2.66 -12.64 -4.55
CA ALA A 1 3.54 -11.73 -5.31
C ALA A 1 3.10 -10.28 -5.14
N CYS A 2 3.25 -9.76 -3.93
CA CYS A 2 2.80 -8.42 -3.61
C CYS A 2 3.60 -7.84 -2.45
N ARG A 3 3.45 -6.53 -2.25
CA ARG A 3 4.12 -5.84 -1.16
C ARG A 3 3.22 -5.75 0.05
N GLU A 4 3.79 -5.92 1.22
CA GLU A 4 3.05 -5.77 2.44
C GLU A 4 3.07 -4.32 2.91
N TRP A 5 2.53 -4.08 4.09
CA TRP A 5 2.59 -2.79 4.74
C TRP A 5 4.00 -2.20 4.65
N LEU A 6 4.06 -1.02 4.05
CA LEU A 6 5.30 -0.26 3.90
C LEU A 6 6.28 -0.94 2.96
N GLY A 7 5.78 -1.73 2.02
CA GLY A 7 6.63 -2.36 1.04
C GLY A 7 6.90 -1.48 -0.16
N GLY A 8 5.92 -1.40 -1.05
CA GLY A 8 6.07 -0.63 -2.27
C GLY A 8 4.91 -0.83 -3.20
N CYS A 9 3.83 -0.12 -2.97
CA CYS A 9 2.59 -0.30 -3.73
C CYS A 9 2.72 0.16 -5.16
N SER A 10 2.13 -0.60 -6.06
CA SER A 10 1.95 -0.18 -7.44
C SER A 10 0.46 0.03 -7.70
N LYS A 11 -0.33 -0.13 -6.64
CA LYS A 11 -1.76 0.08 -6.70
C LYS A 11 -2.28 0.60 -5.37
N ASP A 12 -3.16 1.58 -5.42
CA ASP A 12 -3.81 2.12 -4.27
C ASP A 12 -4.89 1.18 -3.79
N ALA A 13 -5.14 0.13 -4.55
CA ALA A 13 -6.11 -0.89 -4.16
C ALA A 13 -5.70 -1.49 -2.82
N ASP A 14 -4.45 -1.97 -2.75
CA ASP A 14 -3.89 -2.53 -1.51
C ASP A 14 -2.58 -3.27 -1.73
N CYS A 15 -2.03 -3.19 -2.94
CA CYS A 15 -0.89 -4.03 -3.34
C CYS A 15 -1.08 -5.50 -2.94
N CYS A 16 -0.77 -5.85 -1.68
CA CYS A 16 -1.06 -7.18 -1.17
C CYS A 16 -2.54 -7.32 -0.81
N ALA A 17 -2.96 -6.72 0.32
CA ALA A 17 -4.32 -6.85 0.81
C ALA A 17 -4.54 -5.94 2.02
N HIS A 18 -5.77 -5.43 2.13
CA HIS A 18 -6.22 -4.65 3.29
C HIS A 18 -5.42 -3.34 3.43
N LEU A 19 -4.87 -2.89 2.31
CA LEU A 19 -3.91 -1.81 2.29
C LEU A 19 -4.35 -0.72 1.30
N GLU A 20 -3.63 0.39 1.26
CA GLU A 20 -3.77 1.36 0.18
C GLU A 20 -2.40 1.92 -0.16
N CYS A 21 -2.31 2.64 -1.27
CA CYS A 21 -1.03 3.15 -1.72
C CYS A 21 -0.86 4.64 -1.38
N ARG A 22 0.18 4.93 -0.62
CA ARG A 22 0.61 6.29 -0.38
C ARG A 22 1.23 6.85 -1.65
N LYS A 23 0.61 7.87 -2.22
CA LYS A 23 1.08 8.44 -3.47
C LYS A 23 2.23 9.42 -3.26
N LYS A 24 2.83 9.36 -2.09
CA LYS A 24 4.03 10.14 -1.80
C LYS A 24 5.24 9.23 -2.02
N TRP A 25 6.00 9.50 -3.07
CA TRP A 25 7.11 8.66 -3.47
C TRP A 25 8.17 8.57 -2.37
N PRO A 26 8.74 7.38 -2.13
CA PRO A 26 8.38 6.16 -2.85
C PRO A 26 7.08 5.56 -2.35
N TYR A 27 6.22 5.18 -3.28
CA TYR A 27 4.90 4.68 -2.95
C TYR A 27 5.00 3.38 -2.16
N HIS A 28 4.48 3.40 -0.94
CA HIS A 28 4.44 2.20 -0.12
C HIS A 28 3.02 2.01 0.43
N CYS A 29 2.64 0.76 0.62
CA CYS A 29 1.32 0.42 1.09
C CYS A 29 1.17 0.77 2.56
N VAL A 30 0.08 1.43 2.91
CA VAL A 30 -0.24 1.70 4.30
C VAL A 30 -1.60 1.12 4.62
N TRP A 31 -1.90 0.97 5.89
CA TRP A 31 -3.15 0.37 6.32
C TRP A 31 -4.33 1.28 6.06
N ASP A 32 -4.75 1.31 4.78
CA ASP A 32 -5.90 2.08 4.33
C ASP A 32 -5.93 3.48 4.94
N ALA A 33 -6.61 3.59 6.05
CA ALA A 33 -6.76 4.83 6.77
C ALA A 33 -7.41 4.54 8.10
N THR A 34 -8.47 3.74 8.05
CA THR A 34 -9.15 3.28 9.24
C THR A 34 -9.21 1.76 9.30
N VAL A 35 -9.23 1.13 8.13
CA VAL A 35 -9.30 -0.33 8.02
C VAL A 35 -10.61 -0.86 8.61
N ALA A 1 2.12 -12.27 -6.29
CA ALA A 1 3.26 -11.42 -5.91
C ALA A 1 2.78 -10.02 -5.58
N CYS A 2 3.03 -9.58 -4.35
CA CYS A 2 2.58 -8.27 -3.92
C CYS A 2 3.41 -7.80 -2.72
N ARG A 3 3.18 -6.56 -2.31
CA ARG A 3 3.92 -5.96 -1.20
C ARG A 3 3.06 -5.90 0.05
N GLU A 4 3.71 -5.93 1.20
CA GLU A 4 3.01 -5.79 2.47
C GLU A 4 3.02 -4.33 2.90
N TRP A 5 2.45 -4.05 4.06
CA TRP A 5 2.54 -2.76 4.70
C TRP A 5 3.97 -2.22 4.64
N LEU A 6 4.09 -1.05 4.03
CA LEU A 6 5.35 -0.32 3.93
C LEU A 6 6.34 -1.01 3.00
N GLY A 7 5.82 -1.81 2.07
CA GLY A 7 6.65 -2.41 1.06
C GLY A 7 6.94 -1.45 -0.08
N GLY A 8 6.05 -1.46 -1.07
CA GLY A 8 6.19 -0.59 -2.22
C GLY A 8 5.06 -0.78 -3.20
N CYS A 9 4.00 -0.01 -3.02
CA CYS A 9 2.81 -0.17 -3.83
C CYS A 9 2.96 0.47 -5.19
N SER A 10 2.39 -0.18 -6.19
CA SER A 10 2.18 0.43 -7.48
C SER A 10 0.72 0.26 -7.86
N LYS A 11 -0.06 -0.23 -6.88
CA LYS A 11 -1.50 -0.37 -7.04
C LYS A 11 -2.19 -0.06 -5.73
N ASP A 12 -3.28 0.70 -5.83
CA ASP A 12 -4.12 1.02 -4.69
C ASP A 12 -5.05 -0.15 -4.41
N ALA A 13 -4.88 -1.24 -5.16
CA ALA A 13 -5.62 -2.46 -4.90
C ALA A 13 -5.03 -3.22 -3.71
N ASP A 14 -4.49 -2.43 -2.79
CA ASP A 14 -3.99 -2.88 -1.49
C ASP A 14 -2.64 -3.48 -1.66
N CYS A 15 -2.11 -3.32 -2.87
CA CYS A 15 -1.01 -4.11 -3.37
C CYS A 15 -1.20 -5.59 -3.05
N CYS A 16 -0.91 -6.00 -1.80
CA CYS A 16 -1.30 -7.33 -1.34
C CYS A 16 -2.78 -7.37 -0.97
N ALA A 17 -3.11 -6.86 0.23
CA ALA A 17 -4.48 -6.88 0.73
C ALA A 17 -4.61 -5.99 1.96
N HIS A 18 -5.78 -5.37 2.10
CA HIS A 18 -6.12 -4.54 3.27
C HIS A 18 -5.21 -3.32 3.38
N LEU A 19 -4.91 -2.73 2.24
CA LEU A 19 -3.91 -1.69 2.15
C LEU A 19 -4.30 -0.66 1.09
N GLU A 20 -3.72 0.52 1.14
CA GLU A 20 -3.88 1.47 0.05
C GLU A 20 -2.50 1.88 -0.45
N CYS A 21 -2.43 2.33 -1.69
CA CYS A 21 -1.18 2.82 -2.19
C CYS A 21 -0.99 4.26 -1.78
N ARG A 22 0.00 4.51 -0.93
CA ARG A 22 0.29 5.85 -0.48
C ARG A 22 0.66 6.71 -1.67
N LYS A 23 -0.24 7.62 -2.03
CA LYS A 23 -0.04 8.47 -3.18
C LYS A 23 0.85 9.65 -2.82
N LYS A 24 1.86 9.35 -2.02
CA LYS A 24 2.86 10.31 -1.61
C LYS A 24 4.17 9.57 -1.42
N TRP A 25 5.17 9.95 -2.20
CA TRP A 25 6.44 9.24 -2.23
C TRP A 25 7.07 9.16 -0.84
N PRO A 26 7.65 8.00 -0.49
CA PRO A 26 7.66 6.81 -1.33
C PRO A 26 6.33 6.08 -1.33
N TYR A 27 5.95 5.57 -2.49
CA TYR A 27 4.72 4.83 -2.64
C TYR A 27 4.85 3.45 -2.02
N HIS A 28 4.45 3.35 -0.77
CA HIS A 28 4.43 2.08 -0.07
C HIS A 28 3.06 1.86 0.54
N CYS A 29 2.62 0.61 0.55
CA CYS A 29 1.30 0.26 1.00
C CYS A 29 1.12 0.59 2.47
N VAL A 30 0.10 1.35 2.78
CA VAL A 30 -0.21 1.68 4.16
C VAL A 30 -1.58 1.13 4.52
N TRP A 31 -1.81 0.94 5.82
CA TRP A 31 -3.08 0.40 6.32
C TRP A 31 -4.23 1.37 6.11
N ASP A 32 -4.63 1.50 4.85
CA ASP A 32 -5.59 2.51 4.39
C ASP A 32 -5.33 3.86 5.05
N ALA A 33 -5.86 4.05 6.24
CA ALA A 33 -5.62 5.25 7.01
C ALA A 33 -5.44 4.88 8.48
N THR A 34 -6.51 4.39 9.08
CA THR A 34 -6.47 3.95 10.47
C THR A 34 -7.31 2.68 10.68
N VAL A 35 -6.94 1.61 9.98
CA VAL A 35 -7.61 0.32 10.15
C VAL A 35 -6.95 -0.47 11.27
N ALA A 1 4.22 -12.42 -6.13
CA ALA A 1 4.27 -11.94 -4.73
C ALA A 1 3.94 -10.46 -4.66
N CYS A 2 3.14 -10.07 -3.70
CA CYS A 2 2.74 -8.69 -3.54
C CYS A 2 3.52 -8.03 -2.40
N ARG A 3 3.37 -6.72 -2.28
CA ARG A 3 4.06 -5.98 -1.23
C ARG A 3 3.17 -5.89 0.00
N GLU A 4 3.77 -5.98 1.17
CA GLU A 4 3.02 -5.83 2.40
C GLU A 4 3.02 -4.38 2.85
N TRP A 5 2.44 -4.13 4.01
CA TRP A 5 2.53 -2.85 4.68
C TRP A 5 3.95 -2.30 4.62
N LEU A 6 4.06 -1.12 4.04
CA LEU A 6 5.33 -0.40 3.91
C LEU A 6 6.28 -1.12 2.95
N GLY A 7 5.72 -1.84 2.00
CA GLY A 7 6.53 -2.47 0.98
C GLY A 7 6.85 -1.54 -0.16
N GLY A 8 5.97 -1.50 -1.15
CA GLY A 8 6.17 -0.68 -2.32
C GLY A 8 5.04 -0.82 -3.30
N CYS A 9 3.96 -0.12 -3.02
CA CYS A 9 2.74 -0.25 -3.80
C CYS A 9 2.88 0.30 -5.20
N SER A 10 2.41 -0.46 -6.16
CA SER A 10 2.20 0.03 -7.51
C SER A 10 0.70 0.20 -7.75
N LYS A 11 -0.09 -0.28 -6.81
CA LYS A 11 -1.54 -0.18 -6.88
C LYS A 11 -2.10 0.38 -5.59
N ASP A 12 -3.02 1.31 -5.73
CA ASP A 12 -3.69 1.93 -4.61
C ASP A 12 -4.79 1.02 -4.10
N ALA A 13 -4.99 -0.10 -4.79
CA ALA A 13 -5.97 -1.07 -4.35
C ALA A 13 -5.61 -1.57 -2.96
N ASP A 14 -4.37 -2.05 -2.83
CA ASP A 14 -3.85 -2.53 -1.53
C ASP A 14 -2.54 -3.29 -1.71
N CYS A 15 -1.96 -3.23 -2.91
CA CYS A 15 -0.86 -4.12 -3.31
C CYS A 15 -1.12 -5.58 -2.89
N CYS A 16 -0.85 -5.94 -1.64
CA CYS A 16 -1.20 -7.25 -1.12
C CYS A 16 -2.70 -7.33 -0.76
N ALA A 17 -3.06 -6.75 0.38
CA ALA A 17 -4.45 -6.80 0.85
C ALA A 17 -4.62 -5.92 2.08
N HIS A 18 -5.83 -5.38 2.21
CA HIS A 18 -6.23 -4.59 3.39
C HIS A 18 -5.39 -3.31 3.50
N LEU A 19 -4.94 -2.85 2.36
CA LEU A 19 -4.00 -1.74 2.28
C LEU A 19 -4.48 -0.72 1.26
N GLU A 20 -3.74 0.36 1.12
CA GLU A 20 -3.87 1.24 -0.04
C GLU A 20 -2.50 1.83 -0.33
N CYS A 21 -2.34 2.41 -1.51
CA CYS A 21 -1.05 2.92 -1.90
C CYS A 21 -0.89 4.38 -1.51
N ARG A 22 0.16 4.67 -0.76
CA ARG A 22 0.50 6.04 -0.46
C ARG A 22 0.92 6.76 -1.74
N LYS A 23 0.00 7.55 -2.29
CA LYS A 23 0.25 8.32 -3.49
C LYS A 23 1.22 9.46 -3.21
N LYS A 24 1.71 9.53 -1.99
CA LYS A 24 2.75 10.48 -1.62
C LYS A 24 4.10 9.77 -1.63
N TRP A 25 4.91 10.09 -2.63
CA TRP A 25 6.22 9.50 -2.80
C TRP A 25 7.05 9.61 -1.52
N PRO A 26 7.78 8.55 -1.16
CA PRO A 26 7.82 7.28 -1.91
C PRO A 26 6.55 6.44 -1.73
N TYR A 27 6.18 5.72 -2.78
CA TYR A 27 4.96 4.93 -2.77
C TYR A 27 5.16 3.62 -2.00
N HIS A 28 4.48 3.49 -0.89
CA HIS A 28 4.46 2.24 -0.14
C HIS A 28 3.08 2.03 0.46
N CYS A 29 2.67 0.77 0.54
CA CYS A 29 1.35 0.43 1.02
C CYS A 29 1.20 0.76 2.49
N VAL A 30 0.16 1.49 2.83
CA VAL A 30 -0.16 1.78 4.22
C VAL A 30 -1.53 1.24 4.54
N TRP A 31 -1.81 1.03 5.82
CA TRP A 31 -3.05 0.42 6.25
C TRP A 31 -4.27 1.29 5.98
N ASP A 32 -4.73 1.23 4.73
CA ASP A 32 -5.95 1.93 4.28
C ASP A 32 -5.99 3.35 4.83
N ALA A 33 -6.66 3.50 5.96
CA ALA A 33 -6.79 4.77 6.63
C ALA A 33 -7.35 4.54 8.02
N THR A 34 -8.27 3.59 8.11
CA THR A 34 -8.89 3.25 9.39
C THR A 34 -9.22 1.75 9.44
N VAL A 35 -8.33 0.93 8.89
CA VAL A 35 -8.54 -0.50 8.87
C VAL A 35 -8.14 -1.12 10.22
N ALA A 1 4.68 -9.86 -8.11
CA ALA A 1 5.21 -9.43 -6.79
C ALA A 1 4.08 -8.91 -5.91
N CYS A 2 4.23 -9.08 -4.60
CA CYS A 2 3.25 -8.56 -3.66
C CYS A 2 3.93 -7.65 -2.65
N ARG A 3 3.29 -6.53 -2.34
CA ARG A 3 3.84 -5.57 -1.41
C ARG A 3 2.92 -5.40 -0.21
N GLU A 4 3.43 -5.75 0.95
CA GLU A 4 2.67 -5.62 2.18
C GLU A 4 2.81 -4.21 2.74
N TRP A 5 2.35 -4.03 3.95
CA TRP A 5 2.51 -2.79 4.67
C TRP A 5 3.95 -2.29 4.58
N LEU A 6 4.08 -1.12 3.97
CA LEU A 6 5.36 -0.44 3.81
C LEU A 6 6.29 -1.18 2.84
N GLY A 7 5.70 -1.96 1.93
CA GLY A 7 6.48 -2.66 0.93
C GLY A 7 6.87 -1.77 -0.24
N GLY A 8 5.90 -1.40 -1.04
CA GLY A 8 6.15 -0.59 -2.21
C GLY A 8 5.00 -0.67 -3.19
N CYS A 9 3.94 0.05 -2.89
CA CYS A 9 2.69 -0.07 -3.62
C CYS A 9 2.80 0.45 -5.04
N SER A 10 2.14 -0.24 -5.95
CA SER A 10 1.95 0.26 -7.30
C SER A 10 0.46 0.48 -7.55
N LYS A 11 -0.37 -0.21 -6.76
CA LYS A 11 -1.82 -0.06 -6.87
C LYS A 11 -2.41 0.40 -5.55
N ASP A 12 -3.35 1.32 -5.63
CA ASP A 12 -4.05 1.83 -4.46
C ASP A 12 -5.05 0.79 -3.97
N ALA A 13 -5.25 -0.25 -4.78
CA ALA A 13 -6.14 -1.35 -4.41
C ALA A 13 -5.79 -1.87 -3.02
N ASP A 14 -4.52 -2.25 -2.87
CA ASP A 14 -3.95 -2.69 -1.59
C ASP A 14 -2.60 -3.35 -1.79
N CYS A 15 -2.12 -3.36 -3.03
CA CYS A 15 -0.93 -4.12 -3.43
C CYS A 15 -0.92 -5.57 -2.92
N CYS A 16 -0.76 -5.80 -1.62
CA CYS A 16 -0.93 -7.14 -1.08
C CYS A 16 -2.37 -7.41 -0.63
N ALA A 17 -2.79 -6.80 0.49
CA ALA A 17 -4.14 -6.97 1.00
C ALA A 17 -4.42 -6.03 2.18
N HIS A 18 -5.66 -5.54 2.24
CA HIS A 18 -6.14 -4.71 3.34
C HIS A 18 -5.35 -3.41 3.44
N LEU A 19 -4.89 -2.93 2.30
CA LEU A 19 -3.97 -1.80 2.25
C LEU A 19 -4.44 -0.80 1.21
N GLU A 20 -3.75 0.33 1.13
CA GLU A 20 -3.89 1.23 0.00
C GLU A 20 -2.50 1.67 -0.42
N CYS A 21 -2.40 2.33 -1.56
CA CYS A 21 -1.12 2.81 -2.02
C CYS A 21 -0.91 4.26 -1.59
N ARG A 22 0.18 4.49 -0.87
CA ARG A 22 0.55 5.84 -0.51
C ARG A 22 0.97 6.60 -1.75
N LYS A 23 0.09 7.46 -2.24
CA LYS A 23 0.34 8.24 -3.45
C LYS A 23 1.23 9.44 -3.14
N LYS A 24 2.19 9.21 -2.26
CA LYS A 24 3.19 10.19 -1.92
C LYS A 24 4.51 9.47 -1.70
N TRP A 25 5.51 9.82 -2.49
CA TRP A 25 6.80 9.15 -2.46
C TRP A 25 7.41 9.11 -1.06
N PRO A 26 7.99 7.97 -0.66
CA PRO A 26 8.00 6.74 -1.46
C PRO A 26 6.65 6.01 -1.41
N TYR A 27 6.25 5.47 -2.55
CA TYR A 27 5.00 4.74 -2.64
C TYR A 27 5.10 3.39 -1.94
N HIS A 28 4.55 3.31 -0.75
CA HIS A 28 4.51 2.06 -0.03
C HIS A 28 3.12 1.84 0.55
N CYS A 29 2.71 0.58 0.56
CA CYS A 29 1.38 0.21 1.01
C CYS A 29 1.17 0.57 2.47
N VAL A 30 0.14 1.34 2.75
CA VAL A 30 -0.18 1.69 4.13
C VAL A 30 -1.56 1.18 4.47
N TRP A 31 -1.83 1.01 5.76
CA TRP A 31 -3.10 0.46 6.22
C TRP A 31 -4.27 1.39 5.94
N ASP A 32 -4.73 1.34 4.69
CA ASP A 32 -5.87 2.13 4.22
C ASP A 32 -5.82 3.57 4.71
N ALA A 33 -6.43 3.81 5.85
CA ALA A 33 -6.50 5.10 6.47
C ALA A 33 -6.97 4.91 7.89
N THR A 34 -7.97 4.06 8.03
CA THR A 34 -8.45 3.64 9.33
C THR A 34 -8.69 2.13 9.36
N VAL A 35 -8.87 1.54 8.17
CA VAL A 35 -9.13 0.10 8.02
C VAL A 35 -10.50 -0.25 8.61
N ALA A 1 4.33 -9.81 -7.79
CA ALA A 1 4.85 -8.72 -6.93
C ALA A 1 3.79 -8.30 -5.92
N CYS A 2 3.93 -8.78 -4.70
CA CYS A 2 2.99 -8.45 -3.64
C CYS A 2 3.72 -7.75 -2.52
N ARG A 3 3.19 -6.63 -2.08
CA ARG A 3 3.84 -5.83 -1.06
C ARG A 3 3.03 -5.83 0.22
N GLU A 4 3.69 -5.93 1.35
CA GLU A 4 3.01 -5.80 2.63
C GLU A 4 3.03 -4.34 3.06
N TRP A 5 2.49 -4.08 4.24
CA TRP A 5 2.56 -2.76 4.83
C TRP A 5 3.95 -2.15 4.70
N LEU A 6 3.98 -0.97 4.08
CA LEU A 6 5.19 -0.19 3.87
C LEU A 6 6.07 -0.79 2.78
N GLY A 7 5.47 -1.63 1.93
CA GLY A 7 6.13 -2.11 0.73
C GLY A 7 5.73 -1.27 -0.45
N GLY A 8 6.60 -1.18 -1.44
CA GLY A 8 6.37 -0.30 -2.58
C GLY A 8 5.15 -0.67 -3.40
N CYS A 9 4.01 -0.07 -3.08
CA CYS A 9 2.78 -0.26 -3.82
C CYS A 9 2.88 0.31 -5.23
N SER A 10 2.24 -0.38 -6.17
CA SER A 10 2.02 0.16 -7.50
C SER A 10 0.53 0.38 -7.71
N LYS A 11 -0.27 -0.15 -6.78
CA LYS A 11 -1.72 -0.01 -6.84
C LYS A 11 -2.27 0.44 -5.50
N ASP A 12 -3.22 1.36 -5.56
CA ASP A 12 -3.90 1.86 -4.38
C ASP A 12 -4.95 0.86 -3.92
N ALA A 13 -5.15 -0.18 -4.72
CA ALA A 13 -6.10 -1.23 -4.37
C ALA A 13 -5.76 -1.82 -3.01
N ASP A 14 -4.49 -2.22 -2.86
CA ASP A 14 -3.94 -2.71 -1.59
C ASP A 14 -2.64 -3.49 -1.80
N CYS A 15 -2.14 -3.50 -3.04
CA CYS A 15 -0.99 -4.31 -3.44
C CYS A 15 -1.12 -5.78 -3.03
N CYS A 16 -1.01 -6.08 -1.74
CA CYS A 16 -1.28 -7.42 -1.25
C CYS A 16 -2.74 -7.55 -0.83
N ALA A 17 -3.08 -6.97 0.32
CA ALA A 17 -4.44 -7.04 0.85
C ALA A 17 -4.61 -6.10 2.03
N HIS A 18 -5.81 -5.53 2.15
CA HIS A 18 -6.21 -4.72 3.30
C HIS A 18 -5.37 -3.45 3.42
N LEU A 19 -4.91 -2.96 2.28
CA LEU A 19 -3.95 -1.87 2.24
C LEU A 19 -4.39 -0.80 1.25
N GLU A 20 -3.60 0.26 1.13
CA GLU A 20 -3.77 1.25 0.08
C GLU A 20 -2.39 1.67 -0.42
N CYS A 21 -2.34 2.47 -1.47
CA CYS A 21 -1.08 2.97 -1.94
C CYS A 21 -0.92 4.44 -1.58
N ARG A 22 0.08 4.72 -0.77
CA ARG A 22 0.46 6.06 -0.41
C ARG A 22 0.74 6.91 -1.64
N LYS A 23 0.38 8.18 -1.57
CA LYS A 23 0.71 9.10 -2.63
C LYS A 23 1.95 9.88 -2.25
N LYS A 24 2.57 9.48 -1.14
CA LYS A 24 3.80 10.10 -0.70
C LYS A 24 4.97 9.22 -1.09
N TRP A 25 5.74 9.68 -2.06
CA TRP A 25 6.89 8.95 -2.55
C TRP A 25 7.97 8.86 -1.48
N PRO A 26 8.64 7.70 -1.36
CA PRO A 26 8.36 6.52 -2.18
C PRO A 26 7.06 5.82 -1.80
N TYR A 27 6.26 5.52 -2.81
CA TYR A 27 4.96 4.88 -2.60
C TYR A 27 5.12 3.56 -1.89
N HIS A 28 4.37 3.41 -0.81
CA HIS A 28 4.37 2.15 -0.06
C HIS A 28 2.98 1.90 0.51
N CYS A 29 2.60 0.64 0.55
CA CYS A 29 1.28 0.23 0.98
C CYS A 29 1.06 0.51 2.46
N VAL A 30 0.17 1.42 2.79
CA VAL A 30 -0.15 1.70 4.18
C VAL A 30 -1.54 1.18 4.50
N TRP A 31 -1.80 0.96 5.78
CA TRP A 31 -3.10 0.49 6.24
C TRP A 31 -4.17 1.54 6.06
N ASP A 32 -4.71 1.58 4.84
CA ASP A 32 -5.60 2.63 4.35
C ASP A 32 -5.48 3.95 5.11
N ALA A 33 -6.14 4.04 6.24
CA ALA A 33 -6.07 5.24 7.06
C ALA A 33 -6.26 4.90 8.54
N THR A 34 -7.28 4.12 8.84
CA THR A 34 -7.64 3.86 10.23
C THR A 34 -8.10 2.41 10.46
N VAL A 35 -7.62 1.49 9.64
CA VAL A 35 -8.01 0.09 9.77
C VAL A 35 -7.27 -0.58 10.94
N ALA A 1 2.20 -12.99 -4.14
CA ALA A 1 3.02 -12.18 -5.06
C ALA A 1 2.61 -10.71 -4.98
N CYS A 2 2.91 -10.09 -3.85
CA CYS A 2 2.50 -8.71 -3.61
C CYS A 2 3.35 -8.09 -2.49
N ARG A 3 3.29 -6.78 -2.41
CA ARG A 3 4.00 -6.04 -1.38
C ARG A 3 3.10 -5.84 -0.17
N GLU A 4 3.69 -5.77 1.00
CA GLU A 4 2.91 -5.58 2.21
C GLU A 4 3.06 -4.16 2.75
N TRP A 5 2.50 -3.94 3.94
CA TRP A 5 2.60 -2.68 4.65
C TRP A 5 4.02 -2.10 4.60
N LEU A 6 4.09 -0.89 4.07
CA LEU A 6 5.32 -0.11 3.97
C LEU A 6 6.34 -0.76 3.04
N GLY A 7 5.86 -1.67 2.18
CA GLY A 7 6.72 -2.29 1.20
C GLY A 7 6.95 -1.39 0.00
N GLY A 8 6.11 -1.54 -1.01
CA GLY A 8 6.23 -0.72 -2.20
C GLY A 8 5.07 -0.93 -3.14
N CYS A 9 4.02 -0.15 -2.93
CA CYS A 9 2.80 -0.29 -3.73
C CYS A 9 2.97 0.29 -5.12
N SER A 10 2.26 -0.29 -6.06
CA SER A 10 2.09 0.29 -7.38
C SER A 10 0.59 0.46 -7.65
N LYS A 11 -0.22 -0.20 -6.83
CA LYS A 11 -1.67 -0.09 -6.93
C LYS A 11 -2.27 0.42 -5.64
N ASP A 12 -3.21 1.35 -5.77
CA ASP A 12 -3.89 1.93 -4.62
C ASP A 12 -4.94 0.97 -4.11
N ALA A 13 -5.12 -0.14 -4.82
CA ALA A 13 -6.05 -1.18 -4.42
C ALA A 13 -5.71 -1.67 -3.02
N ASP A 14 -4.48 -2.18 -2.88
CA ASP A 14 -3.94 -2.62 -1.59
C ASP A 14 -2.68 -3.45 -1.78
N CYS A 15 -2.12 -3.43 -3.00
CA CYS A 15 -0.97 -4.27 -3.37
C CYS A 15 -1.16 -5.72 -2.91
N CYS A 16 -0.85 -6.04 -1.66
CA CYS A 16 -1.20 -7.33 -1.09
C CYS A 16 -2.68 -7.41 -0.74
N ALA A 17 -3.07 -6.80 0.38
CA ALA A 17 -4.45 -6.81 0.86
C ALA A 17 -4.61 -5.92 2.07
N HIS A 18 -5.80 -5.32 2.19
CA HIS A 18 -6.17 -4.52 3.37
C HIS A 18 -5.30 -3.27 3.47
N LEU A 19 -4.90 -2.77 2.31
CA LEU A 19 -3.92 -1.71 2.22
C LEU A 19 -4.35 -0.67 1.19
N GLU A 20 -3.59 0.40 1.08
CA GLU A 20 -3.76 1.35 0.00
C GLU A 20 -2.39 1.78 -0.48
N CYS A 21 -2.31 2.40 -1.64
CA CYS A 21 -1.03 2.86 -2.13
C CYS A 21 -0.82 4.31 -1.77
N ARG A 22 0.15 4.54 -0.89
CA ARG A 22 0.55 5.89 -0.55
C ARG A 22 0.94 6.64 -1.81
N LYS A 23 0.19 7.69 -2.09
CA LYS A 23 0.49 8.55 -3.21
C LYS A 23 1.55 9.57 -2.81
N LYS A 24 2.18 9.33 -1.67
CA LYS A 24 3.27 10.15 -1.20
C LYS A 24 4.57 9.36 -1.34
N TRP A 25 5.42 9.81 -2.25
CA TRP A 25 6.71 9.17 -2.51
C TRP A 25 7.56 9.08 -1.25
N PRO A 26 8.20 7.92 -0.99
CA PRO A 26 8.10 6.72 -1.85
C PRO A 26 6.78 5.98 -1.65
N TYR A 27 6.21 5.50 -2.75
CA TYR A 27 4.93 4.82 -2.73
C TYR A 27 5.04 3.48 -2.02
N HIS A 28 4.45 3.40 -0.84
CA HIS A 28 4.40 2.15 -0.10
C HIS A 28 3.00 1.92 0.44
N CYS A 29 2.62 0.66 0.55
CA CYS A 29 1.30 0.29 1.01
C CYS A 29 1.13 0.64 2.48
N VAL A 30 0.08 1.37 2.79
CA VAL A 30 -0.25 1.64 4.19
C VAL A 30 -1.62 1.09 4.51
N TRP A 31 -1.88 0.88 5.79
CA TRP A 31 -3.16 0.36 6.25
C TRP A 31 -4.25 1.39 6.01
N ASP A 32 -4.81 1.32 4.79
CA ASP A 32 -5.77 2.30 4.26
C ASP A 32 -5.74 3.63 5.00
N ALA A 33 -6.47 3.71 6.08
CA ALA A 33 -6.50 4.89 6.91
C ALA A 33 -6.66 4.51 8.37
N THR A 34 -7.31 3.38 8.62
CA THR A 34 -7.54 2.91 9.98
C THR A 34 -7.76 1.39 10.04
N VAL A 35 -8.25 0.81 8.94
CA VAL A 35 -8.62 -0.61 8.89
C VAL A 35 -9.75 -0.91 9.89
N ALA A 1 4.63 -12.59 -2.38
CA ALA A 1 4.96 -12.10 -3.73
C ALA A 1 4.67 -10.62 -3.86
N CYS A 2 3.50 -10.21 -3.38
CA CYS A 2 3.11 -8.81 -3.40
C CYS A 2 3.81 -8.04 -2.28
N ARG A 3 3.56 -6.75 -2.21
CA ARG A 3 4.17 -5.91 -1.19
C ARG A 3 3.22 -5.77 -0.02
N GLU A 4 3.72 -5.94 1.19
CA GLU A 4 2.89 -5.76 2.37
C GLU A 4 2.97 -4.31 2.84
N TRP A 5 2.41 -4.05 4.01
CA TRP A 5 2.52 -2.76 4.67
C TRP A 5 3.95 -2.25 4.60
N LEU A 6 4.08 -1.08 3.98
CA LEU A 6 5.37 -0.38 3.84
C LEU A 6 6.31 -1.09 2.88
N GLY A 7 5.74 -1.88 1.97
CA GLY A 7 6.53 -2.57 0.98
C GLY A 7 6.89 -1.67 -0.19
N GLY A 8 5.93 -1.50 -1.10
CA GLY A 8 6.16 -0.70 -2.29
C GLY A 8 5.03 -0.88 -3.28
N CYS A 9 3.92 -0.21 -3.01
CA CYS A 9 2.71 -0.36 -3.79
C CYS A 9 2.85 0.25 -5.18
N SER A 10 2.19 -0.39 -6.14
CA SER A 10 1.97 0.22 -7.44
C SER A 10 0.47 0.32 -7.69
N LYS A 11 -0.32 -0.17 -6.72
CA LYS A 11 -1.77 -0.12 -6.83
C LYS A 11 -2.40 0.31 -5.53
N ASP A 12 -3.38 1.20 -5.64
CA ASP A 12 -4.12 1.69 -4.48
C ASP A 12 -5.19 0.69 -4.09
N ALA A 13 -5.25 -0.42 -4.81
CA ALA A 13 -6.15 -1.50 -4.44
C ALA A 13 -5.80 -1.97 -3.04
N ASP A 14 -4.53 -2.37 -2.88
CA ASP A 14 -3.95 -2.75 -1.59
C ASP A 14 -2.64 -3.50 -1.76
N CYS A 15 -2.06 -3.42 -2.96
CA CYS A 15 -0.87 -4.20 -3.33
C CYS A 15 -0.99 -5.67 -2.92
N CYS A 16 -0.71 -5.99 -1.66
CA CYS A 16 -1.01 -7.32 -1.13
C CYS A 16 -2.49 -7.44 -0.77
N ALA A 17 -2.89 -6.84 0.36
CA ALA A 17 -4.27 -6.89 0.83
C ALA A 17 -4.47 -5.95 2.01
N HIS A 18 -5.68 -5.38 2.09
CA HIS A 18 -6.11 -4.54 3.21
C HIS A 18 -5.24 -3.29 3.34
N LEU A 19 -4.88 -2.72 2.21
CA LEU A 19 -3.90 -1.65 2.16
C LEU A 19 -4.31 -0.59 1.14
N GLU A 20 -3.69 0.57 1.20
CA GLU A 20 -3.85 1.57 0.15
C GLU A 20 -2.47 1.97 -0.35
N CYS A 21 -2.41 2.54 -1.54
CA CYS A 21 -1.13 2.94 -2.08
C CYS A 21 -0.88 4.41 -1.81
N ARG A 22 0.01 4.68 -0.86
CA ARG A 22 0.39 6.04 -0.52
C ARG A 22 0.76 6.80 -1.77
N LYS A 23 0.10 7.93 -1.99
CA LYS A 23 0.26 8.68 -3.22
C LYS A 23 1.45 9.62 -3.11
N LYS A 24 2.06 9.62 -1.94
CA LYS A 24 3.23 10.42 -1.68
C LYS A 24 4.47 9.54 -1.73
N TRP A 25 5.42 9.91 -2.57
CA TRP A 25 6.62 9.13 -2.77
C TRP A 25 7.45 9.08 -1.49
N PRO A 26 8.05 7.93 -1.18
CA PRO A 26 7.92 6.70 -1.98
C PRO A 26 6.59 5.98 -1.75
N TYR A 27 6.05 5.44 -2.83
CA TYR A 27 4.78 4.75 -2.78
C TYR A 27 4.92 3.42 -2.04
N HIS A 28 4.47 3.40 -0.80
CA HIS A 28 4.45 2.17 -0.03
C HIS A 28 3.06 1.96 0.56
N CYS A 29 2.63 0.72 0.62
CA CYS A 29 1.31 0.39 1.09
C CYS A 29 1.14 0.74 2.57
N VAL A 30 0.12 1.50 2.89
CA VAL A 30 -0.19 1.79 4.28
C VAL A 30 -1.59 1.26 4.60
N TRP A 31 -1.85 1.02 5.88
CA TRP A 31 -3.11 0.41 6.31
C TRP A 31 -4.31 1.30 6.07
N ASP A 32 -4.77 1.29 4.82
CA ASP A 32 -5.91 2.08 4.35
C ASP A 32 -5.93 3.48 4.96
N ALA A 33 -6.56 3.60 6.12
CA ALA A 33 -6.63 4.84 6.85
C ALA A 33 -6.82 4.57 8.33
N THR A 34 -7.96 3.96 8.66
CA THR A 34 -8.26 3.55 10.02
C THR A 34 -8.87 2.16 10.02
N VAL A 35 -8.14 1.21 9.45
CA VAL A 35 -8.63 -0.16 9.35
C VAL A 35 -8.37 -0.92 10.65
N ALA A 1 2.67 -13.09 -4.02
CA ALA A 1 3.66 -12.23 -4.70
C ALA A 1 3.18 -10.78 -4.72
N CYS A 2 3.38 -10.09 -3.62
CA CYS A 2 2.94 -8.71 -3.49
C CYS A 2 3.70 -8.00 -2.36
N ARG A 3 3.45 -6.72 -2.20
CA ARG A 3 4.08 -5.94 -1.14
C ARG A 3 3.13 -5.75 0.01
N GLU A 4 3.64 -5.83 1.23
CA GLU A 4 2.84 -5.62 2.40
C GLU A 4 2.92 -4.19 2.88
N TRP A 5 2.41 -3.97 4.08
CA TRP A 5 2.53 -2.70 4.77
C TRP A 5 3.96 -2.16 4.68
N LEU A 6 4.07 -1.01 4.05
CA LEU A 6 5.33 -0.28 3.91
C LEU A 6 6.28 -0.98 2.96
N GLY A 7 5.73 -1.75 2.04
CA GLY A 7 6.54 -2.45 1.06
C GLY A 7 6.87 -1.58 -0.13
N GLY A 8 5.92 -1.47 -1.04
CA GLY A 8 6.12 -0.70 -2.26
C GLY A 8 4.99 -0.91 -3.23
N CYS A 9 3.89 -0.20 -2.99
CA CYS A 9 2.68 -0.37 -3.78
C CYS A 9 2.85 0.12 -5.22
N SER A 10 2.37 -0.68 -6.14
CA SER A 10 2.21 -0.27 -7.52
C SER A 10 0.74 0.04 -7.78
N LYS A 11 -0.09 -0.25 -6.78
CA LYS A 11 -1.53 -0.04 -6.86
C LYS A 11 -2.08 0.49 -5.55
N ASP A 12 -3.02 1.42 -5.67
CA ASP A 12 -3.71 2.00 -4.52
C ASP A 12 -4.81 1.05 -4.06
N ALA A 13 -5.01 -0.03 -4.79
CA ALA A 13 -5.99 -1.04 -4.42
C ALA A 13 -5.66 -1.60 -3.05
N ASP A 14 -4.42 -2.10 -2.91
CA ASP A 14 -3.90 -2.60 -1.64
C ASP A 14 -2.62 -3.40 -1.81
N CYS A 15 -2.03 -3.35 -3.01
CA CYS A 15 -0.86 -4.15 -3.36
C CYS A 15 -1.02 -5.63 -2.94
N CYS A 16 -0.75 -5.95 -1.68
CA CYS A 16 -1.07 -7.26 -1.16
C CYS A 16 -2.57 -7.38 -0.83
N ALA A 17 -2.99 -6.77 0.29
CA ALA A 17 -4.38 -6.82 0.73
C ALA A 17 -4.57 -5.93 1.95
N HIS A 18 -5.78 -5.39 2.07
CA HIS A 18 -6.21 -4.59 3.24
C HIS A 18 -5.38 -3.32 3.37
N LEU A 19 -4.94 -2.81 2.24
CA LEU A 19 -3.98 -1.71 2.20
C LEU A 19 -4.43 -0.65 1.21
N GLU A 20 -3.72 0.47 1.19
CA GLU A 20 -3.86 1.44 0.11
C GLU A 20 -2.49 1.97 -0.27
N CYS A 21 -2.39 2.62 -1.42
CA CYS A 21 -1.10 3.14 -1.87
C CYS A 21 -1.00 4.63 -1.63
N ARG A 22 -0.08 5.01 -0.76
CA ARG A 22 0.24 6.39 -0.54
C ARG A 22 0.67 7.05 -1.85
N LYS A 23 0.16 8.24 -2.11
CA LYS A 23 0.49 8.95 -3.33
C LYS A 23 1.77 9.74 -3.15
N LYS A 24 2.38 9.55 -1.98
CA LYS A 24 3.63 10.19 -1.65
C LYS A 24 4.78 9.26 -1.99
N TRP A 25 5.59 9.66 -2.96
CA TRP A 25 6.73 8.88 -3.40
C TRP A 25 7.82 8.87 -2.33
N PRO A 26 8.47 7.72 -2.11
CA PRO A 26 8.17 6.47 -2.82
C PRO A 26 6.90 5.80 -2.31
N TYR A 27 6.12 5.27 -3.23
CA TYR A 27 4.83 4.67 -2.93
C TYR A 27 4.99 3.39 -2.12
N HIS A 28 4.43 3.40 -0.93
CA HIS A 28 4.41 2.22 -0.09
C HIS A 28 3.03 2.03 0.51
N CYS A 29 2.61 0.78 0.61
CA CYS A 29 1.29 0.45 1.09
C CYS A 29 1.14 0.78 2.57
N VAL A 30 0.06 1.43 2.93
CA VAL A 30 -0.23 1.71 4.33
C VAL A 30 -1.60 1.16 4.68
N TRP A 31 -1.84 0.96 5.96
CA TRP A 31 -3.09 0.38 6.42
C TRP A 31 -4.28 1.30 6.25
N ASP A 32 -4.71 1.42 4.99
CA ASP A 32 -5.85 2.25 4.59
C ASP A 32 -5.86 3.61 5.27
N ALA A 33 -6.44 3.65 6.46
CA ALA A 33 -6.44 4.84 7.29
C ALA A 33 -5.92 4.51 8.67
N THR A 34 -6.45 3.43 9.25
CA THR A 34 -5.99 2.95 10.55
C THR A 34 -6.58 1.56 10.83
N VAL A 35 -6.55 0.70 9.82
CA VAL A 35 -7.12 -0.63 9.95
C VAL A 35 -6.16 -1.58 10.67
N ALA A 1 3.00 -12.76 -5.70
CA ALA A 1 3.78 -12.02 -4.68
C ALA A 1 3.35 -10.57 -4.65
N CYS A 2 3.33 -9.99 -3.46
CA CYS A 2 2.91 -8.60 -3.31
C CYS A 2 3.66 -7.96 -2.15
N ARG A 3 3.51 -6.64 -2.03
CA ARG A 3 4.13 -5.90 -0.95
C ARG A 3 3.17 -5.69 0.19
N GLU A 4 3.62 -5.95 1.40
CA GLU A 4 2.82 -5.70 2.57
C GLU A 4 2.92 -4.25 2.99
N TRP A 5 2.39 -3.96 4.16
CA TRP A 5 2.51 -2.68 4.79
C TRP A 5 3.95 -2.16 4.71
N LEU A 6 4.10 -1.04 4.01
CA LEU A 6 5.39 -0.35 3.87
C LEU A 6 6.39 -1.15 3.04
N GLY A 7 5.89 -2.13 2.30
CA GLY A 7 6.75 -2.91 1.42
C GLY A 7 6.91 -2.24 0.09
N GLY A 8 5.84 -1.60 -0.33
CA GLY A 8 5.81 -0.91 -1.59
C GLY A 8 4.42 -0.90 -2.16
N CYS A 9 4.26 -0.31 -3.31
CA CYS A 9 3.00 -0.34 -4.03
C CYS A 9 3.21 -0.08 -5.51
N SER A 10 2.29 -0.61 -6.30
CA SER A 10 2.11 -0.19 -7.68
C SER A 10 0.63 0.00 -7.93
N LYS A 11 -0.16 -0.11 -6.85
CA LYS A 11 -1.59 0.06 -6.92
C LYS A 11 -2.13 0.55 -5.58
N ASP A 12 -3.09 1.45 -5.65
CA ASP A 12 -3.76 1.98 -4.46
C ASP A 12 -4.87 1.03 -4.02
N ALA A 13 -5.04 -0.06 -4.76
CA ALA A 13 -6.01 -1.08 -4.38
C ALA A 13 -5.67 -1.59 -2.98
N ASP A 14 -4.42 -2.02 -2.83
CA ASP A 14 -3.88 -2.51 -1.56
C ASP A 14 -2.57 -3.26 -1.75
N CYS A 15 -2.02 -3.20 -2.97
CA CYS A 15 -0.88 -4.03 -3.38
C CYS A 15 -1.01 -5.49 -2.92
N CYS A 16 -0.71 -5.78 -1.66
CA CYS A 16 -1.00 -7.09 -1.10
C CYS A 16 -2.50 -7.25 -0.81
N ALA A 17 -2.95 -6.67 0.30
CA ALA A 17 -4.35 -6.77 0.73
C ALA A 17 -4.59 -5.94 1.98
N HIS A 18 -5.80 -5.42 2.10
CA HIS A 18 -6.25 -4.68 3.29
C HIS A 18 -5.44 -3.39 3.45
N LEU A 19 -4.99 -2.87 2.33
CA LEU A 19 -4.06 -1.76 2.30
C LEU A 19 -4.53 -0.69 1.33
N GLU A 20 -3.80 0.41 1.26
CA GLU A 20 -3.94 1.37 0.20
C GLU A 20 -2.56 1.92 -0.12
N CYS A 21 -2.37 2.47 -1.29
CA CYS A 21 -1.07 2.98 -1.67
C CYS A 21 -0.90 4.42 -1.17
N ARG A 22 0.22 4.67 -0.51
CA ARG A 22 0.57 6.01 -0.10
C ARG A 22 0.89 6.84 -1.33
N LYS A 23 0.17 7.94 -1.52
CA LYS A 23 0.36 8.79 -2.70
C LYS A 23 1.59 9.66 -2.52
N LYS A 24 2.26 9.50 -1.40
CA LYS A 24 3.46 10.24 -1.10
C LYS A 24 4.68 9.35 -1.31
N TRP A 25 5.50 9.71 -2.29
CA TRP A 25 6.69 8.97 -2.64
C TRP A 25 7.58 8.72 -1.42
N PRO A 26 8.15 7.51 -1.30
CA PRO A 26 7.95 6.41 -2.24
C PRO A 26 6.61 5.72 -2.03
N TYR A 27 5.99 5.30 -3.12
CA TYR A 27 4.70 4.63 -3.08
C TYR A 27 4.83 3.28 -2.39
N HIS A 28 4.33 3.21 -1.17
CA HIS A 28 4.24 1.97 -0.44
C HIS A 28 2.90 1.92 0.26
N CYS A 29 2.35 0.73 0.38
CA CYS A 29 1.05 0.57 0.99
C CYS A 29 1.08 0.90 2.46
N VAL A 30 0.11 1.66 2.88
CA VAL A 30 -0.17 1.89 4.27
C VAL A 30 -1.54 1.31 4.57
N TRP A 31 -1.74 0.93 5.82
CA TRP A 31 -3.01 0.36 6.27
C TRP A 31 -4.18 1.31 6.07
N ASP A 32 -4.69 1.32 4.85
CA ASP A 32 -5.85 2.13 4.44
C ASP A 32 -5.81 3.52 5.09
N ALA A 33 -6.45 3.62 6.23
CA ALA A 33 -6.51 4.84 7.01
C ALA A 33 -7.13 4.50 8.35
N THR A 34 -8.14 3.65 8.29
CA THR A 34 -8.82 3.15 9.47
C THR A 34 -9.41 1.78 9.18
N VAL A 35 -8.59 0.93 8.56
CA VAL A 35 -9.01 -0.40 8.15
C VAL A 35 -9.42 -1.26 9.34
#